data_4NF5
#
_entry.id   4NF5
#
_cell.length_a   55.029
_cell.length_b   87.344
_cell.length_c   121.269
_cell.angle_alpha   90.00
_cell.angle_beta   90.00
_cell.angle_gamma   90.00
#
_symmetry.space_group_name_H-M   'P 21 21 21'
#
loop_
_entity.id
_entity.type
_entity.pdbx_description
1 polymer 'Glutamate receptor ionotropic, NMDA 1'
2 polymer 'Glutamate receptor ionotropic, NMDA 2A'
3 non-polymer GLYCINE
4 non-polymer GLYCEROL
5 non-polymer 5-phosphono-D-norvaline
6 water water
#
loop_
_entity_poly.entity_id
_entity_poly.type
_entity_poly.pdbx_seq_one_letter_code
_entity_poly.pdbx_strand_id
1 'polypeptide(L)'
;GMSTRLKIVTIHQEPFVYVKPTMSDGTCKEEFTVNGDPVKKVICTGPNDTSPGSPRHTVPQCCYGFCIDLLIKLARTMNF
TYEVHLVADGKFGTQERVNNSNKKEWNGMMGELLSGQADMIVAPLTINNERAQYIEFSKPFKYQGLTILVKKGTRITGIN
DPRLRNPSDKFIYATVKQSSVDIYFRRQVELSTMYRHMEKHNYESAAEAIQAVRDNKLHAFIWDSAVLEFEASQKCDLVT
TGELFFRSGFGIGMRKDSPWKQNVSLSILKSHENGFMEDLDKTWVRYQECDS
;
A
2 'polypeptide(L)'
;SDDNHLSIVTLEEAPFVIVEDIDPLTETCVRNTVPCRKFVKINNSTNEGMNVKKCCKGFCIDILKKLSRTVKFTYDLYLV
TNGKHGKKVNNVWNGMIGEVVYQRAVMAVGSLTINEERSEVVDFSVPFVETGISVMVSRGTQVTGLSDKKFQRPHDYSPP
FRFGTVPNGSTERNIRNNYPYMHQYMTRFNQRGVEDALVSLKTGKLDAFIYDAAVLNYKAGRDEGCKLVTIGSGYIFATT
GYGIALQKGSPWKRQIDLALLQFVGDGEMEELETLWLTGICHN
;
B
#
# COMPACT_ATOMS: atom_id res chain seq x y z
N THR A 4 -30.85 7.49 5.99
CA THR A 4 -29.73 7.31 5.06
C THR A 4 -29.80 6.01 4.27
N ARG A 5 -28.89 5.08 4.59
CA ARG A 5 -28.66 3.80 3.88
C ARG A 5 -27.80 4.01 2.64
N LEU A 6 -26.51 3.71 2.77
CA LEU A 6 -25.53 4.04 1.74
C LEU A 6 -25.71 3.23 0.47
N LYS A 7 -25.66 3.91 -0.67
CA LYS A 7 -25.63 3.20 -1.95
C LYS A 7 -24.19 2.85 -2.28
N ILE A 8 -23.90 1.56 -2.36
CA ILE A 8 -22.55 1.09 -2.67
C ILE A 8 -22.48 0.65 -4.12
N VAL A 9 -21.51 1.19 -4.86
CA VAL A 9 -21.27 0.70 -6.21
C VAL A 9 -20.03 -0.19 -6.23
N THR A 10 -20.10 -1.30 -6.96
CA THR A 10 -18.94 -2.17 -7.12
C THR A 10 -18.90 -2.66 -8.56
N ILE A 11 -18.01 -3.60 -8.85
CA ILE A 11 -17.80 -4.06 -10.21
C ILE A 11 -17.39 -5.53 -10.16
N HIS A 12 -17.68 -6.28 -11.21
CA HIS A 12 -17.29 -7.69 -11.23
C HIS A 12 -15.78 -7.79 -11.42
N GLN A 13 -15.10 -8.47 -10.50
CA GLN A 13 -13.66 -8.60 -10.57
C GLN A 13 -13.16 -9.64 -9.56
N GLU A 14 -13.16 -10.91 -9.96
CA GLU A 14 -12.67 -11.95 -9.04
C GLU A 14 -11.18 -11.72 -8.78
N PRO A 15 -10.71 -11.99 -7.55
CA PRO A 15 -11.45 -12.55 -6.41
C PRO A 15 -12.02 -11.49 -5.48
N PHE A 16 -12.05 -10.24 -5.89
CA PHE A 16 -12.58 -9.18 -5.02
C PHE A 16 -14.10 -9.13 -4.98
N VAL A 17 -14.72 -9.26 -6.16
CA VAL A 17 -16.17 -9.34 -6.24
C VAL A 17 -16.59 -10.46 -7.19
N TYR A 18 -17.24 -11.49 -6.65
CA TYR A 18 -17.83 -12.54 -7.47
C TYR A 18 -19.27 -12.14 -7.65
N VAL A 19 -19.86 -12.51 -8.78
CA VAL A 19 -21.27 -12.22 -9.05
C VAL A 19 -21.95 -13.47 -9.59
N LYS A 20 -22.97 -13.95 -8.87
CA LYS A 20 -23.66 -15.19 -9.25
C LYS A 20 -25.18 -14.98 -9.21
N PRO A 21 -25.93 -15.84 -9.93
CA PRO A 21 -27.40 -15.76 -9.87
C PRO A 21 -27.95 -16.06 -8.47
N THR A 22 -29.10 -15.47 -8.13
CA THR A 22 -29.80 -15.84 -6.90
C THR A 22 -30.41 -17.22 -7.09
N MET A 23 -30.90 -17.83 -6.01
CA MET A 23 -31.71 -19.03 -6.15
C MET A 23 -33.12 -18.61 -6.54
N SER A 24 -33.96 -19.60 -6.90
CA SER A 24 -35.30 -19.32 -7.42
C SER A 24 -36.14 -18.43 -6.50
N ASP A 25 -35.91 -18.55 -5.19
CA ASP A 25 -36.66 -17.75 -4.22
C ASP A 25 -36.02 -16.37 -3.96
N GLY A 26 -34.97 -16.06 -4.71
CA GLY A 26 -34.34 -14.75 -4.64
C GLY A 26 -33.31 -14.59 -3.53
N THR A 27 -32.99 -15.67 -2.83
CA THR A 27 -31.98 -15.62 -1.78
C THR A 27 -30.63 -16.11 -2.31
N CYS A 28 -29.58 -15.91 -1.51
CA CYS A 28 -28.25 -16.36 -1.91
C CYS A 28 -27.93 -17.72 -1.29
N LYS A 29 -27.44 -18.64 -2.11
CA LYS A 29 -27.13 -20.00 -1.67
C LYS A 29 -26.03 -20.02 -0.61
N GLU A 30 -26.27 -20.74 0.49
CA GLU A 30 -25.28 -20.82 1.57
C GLU A 30 -24.08 -21.66 1.11
N GLU A 31 -22.88 -21.19 1.41
CA GLU A 31 -21.68 -21.81 0.87
C GLU A 31 -20.51 -21.58 1.82
N PHE A 32 -19.59 -22.54 1.89
CA PHE A 32 -18.41 -22.39 2.72
C PHE A 32 -17.16 -22.53 1.88
N THR A 33 -16.06 -21.95 2.35
CA THR A 33 -14.77 -22.12 1.69
C THR A 33 -14.27 -23.54 1.92
N VAL A 34 -13.27 -23.94 1.14
CA VAL A 34 -12.63 -25.25 1.30
C VAL A 34 -12.13 -25.50 2.72
N ASN A 35 -11.68 -24.44 3.39
CA ASN A 35 -11.18 -24.55 4.75
C ASN A 35 -12.21 -24.29 5.83
N GLY A 36 -13.48 -24.16 5.42
CA GLY A 36 -14.55 -24.08 6.38
C GLY A 36 -15.05 -22.69 6.75
N ASP A 37 -14.57 -21.65 6.07
CA ASP A 37 -15.02 -20.29 6.34
C ASP A 37 -16.35 -20.06 5.65
N PRO A 38 -17.31 -19.43 6.34
CA PRO A 38 -18.58 -19.08 5.69
C PRO A 38 -18.35 -18.04 4.61
N VAL A 39 -19.07 -18.16 3.51
CA VAL A 39 -18.99 -17.17 2.44
C VAL A 39 -20.17 -16.22 2.58
N LYS A 40 -19.90 -15.02 3.06
CA LYS A 40 -20.97 -14.04 3.30
C LYS A 40 -21.37 -13.42 1.97
N LYS A 41 -22.66 -13.48 1.66
CA LYS A 41 -23.15 -12.95 0.38
C LYS A 41 -24.14 -11.83 0.62
N VAL A 42 -24.17 -10.86 -0.29
CA VAL A 42 -25.18 -9.81 -0.22
C VAL A 42 -25.86 -9.73 -1.56
N ILE A 43 -27.08 -9.21 -1.57
CA ILE A 43 -27.79 -8.97 -2.81
C ILE A 43 -27.18 -7.74 -3.47
N CYS A 44 -26.81 -7.87 -4.75
CA CYS A 44 -26.39 -6.73 -5.54
C CYS A 44 -27.20 -6.72 -6.83
N THR A 45 -27.76 -5.56 -7.17
CA THR A 45 -28.50 -5.40 -8.42
C THR A 45 -27.55 -4.97 -9.54
N GLY A 46 -27.85 -5.42 -10.75
CA GLY A 46 -27.05 -5.06 -11.91
C GLY A 46 -27.68 -5.50 -13.22
N PRO A 47 -27.10 -5.06 -14.35
CA PRO A 47 -27.50 -5.35 -15.73
C PRO A 47 -28.07 -6.77 -15.93
N THR A 58 -32.42 -4.06 -14.73
CA THR A 58 -31.50 -4.67 -13.77
C THR A 58 -32.12 -5.87 -13.04
N VAL A 59 -31.25 -6.79 -12.63
CA VAL A 59 -31.67 -8.04 -11.99
C VAL A 59 -30.95 -8.20 -10.64
N PRO A 60 -31.67 -8.64 -9.59
CA PRO A 60 -30.98 -8.90 -8.32
C PRO A 60 -30.05 -10.09 -8.47
N GLN A 61 -28.83 -9.94 -7.98
CA GLN A 61 -27.85 -11.02 -8.03
C GLN A 61 -27.15 -11.22 -6.70
N CYS A 62 -26.24 -12.18 -6.68
CA CYS A 62 -25.51 -12.50 -5.45
CA CYS A 62 -25.50 -12.54 -5.48
C CYS A 62 -24.05 -12.09 -5.61
N CYS A 63 -23.54 -11.32 -4.65
CA CYS A 63 -22.15 -10.85 -4.66
CA CYS A 63 -22.12 -11.00 -4.68
C CYS A 63 -21.40 -11.29 -3.39
N TYR A 64 -20.12 -11.65 -3.55
CA TYR A 64 -19.31 -12.03 -2.42
C TYR A 64 -17.84 -11.87 -2.80
N GLY A 65 -16.95 -11.98 -1.81
CA GLY A 65 -15.53 -11.88 -2.10
C GLY A 65 -14.84 -10.92 -1.17
N PHE A 66 -13.55 -10.68 -1.43
CA PHE A 66 -12.72 -9.82 -0.58
C PHE A 66 -13.41 -8.48 -0.31
N CYS A 67 -13.83 -7.77 -1.36
CA CYS A 67 -14.43 -6.46 -1.16
C CYS A 67 -15.78 -6.51 -0.44
N ILE A 68 -16.52 -7.59 -0.65
CA ILE A 68 -17.78 -7.73 0.06
C ILE A 68 -17.56 -7.96 1.55
N ASP A 69 -16.60 -8.81 1.90
CA ASP A 69 -16.24 -9.04 3.30
C ASP A 69 -15.79 -7.75 3.97
N LEU A 70 -15.06 -6.93 3.21
CA LEU A 70 -14.59 -5.64 3.70
C LEU A 70 -15.77 -4.70 3.95
N LEU A 71 -16.69 -4.61 2.99
CA LEU A 71 -17.90 -3.79 3.15
C LEU A 71 -18.68 -4.19 4.41
N ILE A 72 -18.87 -5.49 4.58
CA ILE A 72 -19.61 -5.98 5.75
C ILE A 72 -18.89 -5.61 7.05
N LYS A 73 -17.56 -5.72 7.05
CA LYS A 73 -16.81 -5.28 8.22
C LYS A 73 -16.98 -3.76 8.47
N LEU A 74 -16.86 -2.98 7.41
CA LEU A 74 -16.96 -1.53 7.55
C LEU A 74 -18.35 -1.17 8.07
N ALA A 75 -19.36 -1.78 7.48
CA ALA A 75 -20.75 -1.54 7.89
C ALA A 75 -20.99 -1.78 9.37
N ARG A 76 -20.57 -2.95 9.86
CA ARG A 76 -20.74 -3.29 11.27
C ARG A 76 -19.96 -2.35 12.18
N THR A 77 -18.74 -2.00 11.78
CA THR A 77 -17.85 -1.21 12.61
C THR A 77 -18.39 0.21 12.76
N MET A 78 -18.87 0.77 11.65
CA MET A 78 -19.35 2.14 11.66
C MET A 78 -20.86 2.25 11.80
N ASN A 79 -21.52 1.11 11.91
CA ASN A 79 -22.97 1.05 12.08
C ASN A 79 -23.76 1.75 10.97
N PHE A 80 -23.42 1.48 9.71
CA PHE A 80 -24.30 1.92 8.62
C PHE A 80 -24.94 0.72 7.91
N THR A 81 -25.99 0.98 7.16
CA THR A 81 -26.58 -0.07 6.34
C THR A 81 -26.34 0.33 4.89
N TYR A 82 -26.62 -0.58 3.97
CA TYR A 82 -26.22 -0.36 2.60
C TYR A 82 -27.11 -1.11 1.61
N GLU A 83 -27.03 -0.70 0.34
CA GLU A 83 -27.56 -1.50 -0.75
C GLU A 83 -26.55 -1.44 -1.87
N VAL A 84 -26.22 -2.60 -2.43
CA VAL A 84 -25.12 -2.72 -3.37
C VAL A 84 -25.64 -2.85 -4.79
N HIS A 85 -25.02 -2.14 -5.73
CA HIS A 85 -25.32 -2.34 -7.14
C HIS A 85 -24.05 -2.38 -7.97
N LEU A 86 -24.12 -3.05 -9.10
CA LEU A 86 -23.00 -3.13 -10.01
C LEU A 86 -23.01 -1.92 -10.93
N VAL A 87 -21.83 -1.37 -11.19
CA VAL A 87 -21.70 -0.17 -12.03
C VAL A 87 -22.38 -0.38 -13.40
N ALA A 88 -23.25 0.54 -13.79
CA ALA A 88 -24.12 0.32 -14.94
C ALA A 88 -23.35 0.17 -16.25
N ASP A 89 -22.28 0.93 -16.42
CA ASP A 89 -21.51 0.86 -17.66
C ASP A 89 -20.37 -0.18 -17.63
N GLY A 90 -20.16 -0.80 -16.46
CA GLY A 90 -19.20 -1.87 -16.33
C GLY A 90 -17.74 -1.43 -16.26
N LYS A 91 -17.49 -0.13 -16.07
CA LYS A 91 -16.13 0.39 -16.10
C LYS A 91 -15.66 0.90 -14.75
N PHE A 92 -14.35 0.95 -14.54
CA PHE A 92 -13.79 1.52 -13.31
C PHE A 92 -13.91 3.04 -13.26
N GLY A 93 -13.41 3.72 -14.28
CA GLY A 93 -13.60 5.15 -14.33
C GLY A 93 -12.40 5.97 -14.78
N THR A 94 -12.56 6.61 -15.93
CA THR A 94 -11.61 7.62 -16.39
C THR A 94 -12.38 8.88 -16.77
N GLN A 95 -11.66 9.99 -16.91
CA GLN A 95 -12.27 11.27 -17.26
C GLN A 95 -12.12 11.51 -18.76
N GLU A 96 -13.22 11.79 -19.46
CA GLU A 96 -13.12 11.94 -20.92
C GLU A 96 -13.78 13.23 -21.39
N ARG A 97 -13.37 13.73 -22.56
CA ARG A 97 -13.94 14.96 -23.08
C ARG A 97 -15.37 14.71 -23.59
N VAL A 98 -16.23 15.72 -23.46
CA VAL A 98 -17.57 15.64 -24.03
C VAL A 98 -17.62 16.32 -25.41
N ASN A 99 -18.31 15.69 -26.37
CA ASN A 99 -18.74 16.34 -27.63
C ASN A 99 -17.74 17.27 -28.29
N SER A 101 -18.02 20.04 -26.50
CA SER A 101 -17.97 20.77 -25.24
C SER A 101 -16.53 20.98 -24.78
N ASN A 102 -16.37 21.92 -23.86
CA ASN A 102 -15.11 22.07 -23.14
C ASN A 102 -15.19 21.18 -21.90
N LYS A 103 -16.40 20.72 -21.59
CA LYS A 103 -16.66 19.93 -20.40
C LYS A 103 -15.95 18.57 -20.44
N LYS A 104 -15.64 18.04 -19.26
CA LYS A 104 -15.15 16.68 -19.17
C LYS A 104 -16.10 15.92 -18.26
N GLU A 105 -16.04 14.60 -18.34
CA GLU A 105 -16.97 13.80 -17.57
C GLU A 105 -16.34 12.48 -17.19
N TRP A 106 -16.58 12.05 -15.95
CA TRP A 106 -16.10 10.77 -15.51
C TRP A 106 -17.09 9.69 -15.90
N ASN A 107 -16.58 8.57 -16.41
CA ASN A 107 -17.40 7.39 -16.65
C ASN A 107 -17.20 6.38 -15.50
N GLY A 108 -17.79 5.19 -15.64
CA GLY A 108 -17.58 4.11 -14.69
C GLY A 108 -18.03 4.37 -13.27
N MET A 109 -17.37 3.72 -12.31
CA MET A 109 -17.72 3.90 -10.90
C MET A 109 -17.46 5.32 -10.45
N MET A 110 -16.43 5.95 -11.03
CA MET A 110 -16.10 7.33 -10.68
C MET A 110 -17.28 8.27 -11.01
N GLY A 111 -17.85 8.09 -12.20
CA GLY A 111 -18.99 8.91 -12.61
C GLY A 111 -20.21 8.72 -11.73
N GLU A 112 -20.45 7.48 -11.30
CA GLU A 112 -21.58 7.20 -10.41
C GLU A 112 -21.41 7.80 -9.01
N LEU A 113 -20.21 7.75 -8.46
CA LEU A 113 -19.94 8.39 -7.17
C LEU A 113 -20.16 9.89 -7.27
N LEU A 114 -19.52 10.50 -8.26
CA LEU A 114 -19.60 11.95 -8.41
C LEU A 114 -21.02 12.47 -8.68
N SER A 115 -21.84 11.68 -9.37
CA SER A 115 -23.19 12.13 -9.72
C SER A 115 -24.23 11.85 -8.63
N GLY A 116 -23.85 11.07 -7.63
CA GLY A 116 -24.75 10.79 -6.52
C GLY A 116 -25.50 9.48 -6.69
N GLN A 117 -25.27 8.78 -7.79
CA GLN A 117 -25.88 7.45 -7.97
C GLN A 117 -25.28 6.41 -7.02
N ALA A 118 -24.10 6.70 -6.48
CA ALA A 118 -23.53 5.89 -5.41
C ALA A 118 -22.96 6.81 -4.34
N ASP A 119 -22.93 6.33 -3.10
CA ASP A 119 -22.34 7.09 -2.00
C ASP A 119 -20.92 6.62 -1.69
N MET A 120 -20.61 5.39 -2.05
CA MET A 120 -19.30 4.82 -1.77
C MET A 120 -18.93 3.86 -2.89
N ILE A 121 -17.65 3.83 -3.26
CA ILE A 121 -17.18 2.79 -4.15
C ILE A 121 -16.42 1.75 -3.31
N VAL A 122 -16.89 0.51 -3.33
CA VAL A 122 -16.20 -0.58 -2.64
C VAL A 122 -15.82 -1.61 -3.69
N ALA A 123 -14.58 -1.54 -4.13
CA ALA A 123 -14.12 -2.29 -5.29
C ALA A 123 -12.61 -2.22 -5.35
N PRO A 124 -11.98 -3.06 -6.18
CA PRO A 124 -10.54 -2.86 -6.33
C PRO A 124 -10.23 -1.61 -7.15
N LEU A 125 -10.43 -0.44 -6.55
CA LEU A 125 -10.28 0.85 -7.23
C LEU A 125 -8.89 1.41 -6.97
N THR A 126 -8.07 1.50 -8.01
CA THR A 126 -6.71 2.03 -7.87
C THR A 126 -6.69 3.49 -7.48
N ILE A 127 -5.88 3.81 -6.47
CA ILE A 127 -5.66 5.17 -6.02
C ILE A 127 -4.66 5.85 -6.97
N ASN A 128 -5.06 6.96 -7.59
CA ASN A 128 -4.13 7.72 -8.44
C ASN A 128 -4.39 9.21 -8.34
N ASN A 129 -3.49 10.02 -8.88
CA ASN A 129 -3.63 11.46 -8.78
C ASN A 129 -4.90 11.94 -9.50
N GLU A 130 -5.13 11.41 -10.70
CA GLU A 130 -6.26 11.83 -11.53
C GLU A 130 -7.58 11.76 -10.77
N ARG A 131 -7.83 10.62 -10.13
CA ARG A 131 -9.09 10.47 -9.39
C ARG A 131 -9.11 11.23 -8.07
N ALA A 132 -7.95 11.30 -7.42
CA ALA A 132 -7.88 11.96 -6.12
C ALA A 132 -8.10 13.49 -6.21
N GLN A 133 -7.95 14.06 -7.40
CA GLN A 133 -8.32 15.46 -7.62
C GLN A 133 -9.79 15.69 -7.30
N TYR A 134 -10.62 14.68 -7.57
CA TYR A 134 -12.09 14.81 -7.56
C TYR A 134 -12.79 14.08 -6.43
N ILE A 135 -12.18 12.99 -5.94
CA ILE A 135 -12.77 12.22 -4.84
C ILE A 135 -11.78 11.95 -3.70
N GLU A 136 -12.30 11.43 -2.59
CA GLU A 136 -11.47 11.06 -1.45
CA GLU A 136 -11.50 11.07 -1.42
C GLU A 136 -11.28 9.55 -1.41
N PHE A 137 -10.04 9.13 -1.23
CA PHE A 137 -9.72 7.72 -1.12
C PHE A 137 -9.40 7.44 0.34
N SER A 138 -9.72 6.24 0.81
CA SER A 138 -9.26 5.82 2.14
C SER A 138 -7.79 5.49 2.00
N LYS A 139 -7.13 5.24 3.13
CA LYS A 139 -5.84 4.56 3.11
C LYS A 139 -6.04 3.21 2.40
N PRO A 140 -4.98 2.70 1.76
CA PRO A 140 -5.15 1.48 0.98
C PRO A 140 -5.60 0.26 1.80
N PHE A 141 -6.59 -0.49 1.29
CA PHE A 141 -6.99 -1.73 1.93
C PHE A 141 -6.21 -2.91 1.35
N LYS A 142 -5.50 -2.65 0.25
CA LYS A 142 -4.73 -3.67 -0.43
C LYS A 142 -3.61 -3.02 -1.23
N TYR A 143 -2.38 -3.49 -0.99
CA TYR A 143 -1.22 -3.05 -1.74
C TYR A 143 -0.86 -4.10 -2.77
N GLN A 144 -0.58 -3.67 -4.00
CA GLN A 144 -0.32 -4.59 -5.10
C GLN A 144 0.39 -3.85 -6.21
N GLY A 145 0.17 -4.23 -7.46
CA GLY A 145 0.83 -3.52 -8.53
C GLY A 145 0.41 -3.97 -9.90
N LEU A 146 1.16 -3.57 -10.93
CA LEU A 146 0.85 -3.98 -12.30
C LEU A 146 1.78 -5.08 -12.74
N THR A 147 1.23 -6.09 -13.42
CA THR A 147 2.05 -7.15 -14.01
C THR A 147 1.45 -7.50 -15.38
N ILE A 148 1.97 -8.56 -16.02
CA ILE A 148 1.52 -8.92 -17.37
C ILE A 148 1.13 -10.40 -17.40
N LEU A 149 0.01 -10.70 -18.04
CA LEU A 149 -0.48 -12.07 -18.11
C LEU A 149 -0.37 -12.57 -19.55
N VAL A 150 0.19 -13.77 -19.73
CA VAL A 150 0.32 -14.38 -21.07
C VAL A 150 -0.11 -15.85 -20.97
N LYS A 151 -0.30 -16.49 -22.13
CA LYS A 151 -0.56 -17.93 -22.12
C LYS A 151 0.76 -18.68 -21.98
N LYS A 152 0.73 -19.84 -21.32
CA LYS A 152 1.90 -20.71 -21.25
C LYS A 152 2.42 -20.97 -22.64
N GLY A 153 3.73 -20.82 -22.84
CA GLY A 153 4.30 -20.97 -24.17
C GLY A 153 4.62 -19.64 -24.82
N THR A 154 4.01 -18.57 -24.31
CA THR A 154 4.42 -17.22 -24.70
C THR A 154 5.57 -16.81 -23.81
N ARG A 155 6.65 -16.30 -24.42
CA ARG A 155 7.84 -15.96 -23.66
C ARG A 155 8.25 -14.50 -23.84
N ILE A 156 8.00 -13.70 -22.83
CA ILE A 156 8.47 -12.32 -22.81
C ILE A 156 9.18 -12.05 -21.48
N THR A 157 10.06 -11.05 -21.47
CA THR A 157 10.84 -10.73 -20.28
C THR A 157 10.02 -9.88 -19.31
N GLY A 158 8.99 -9.23 -19.85
CA GLY A 158 8.18 -8.30 -19.09
C GLY A 158 7.98 -7.00 -19.85
N ILE A 159 7.72 -5.94 -19.10
CA ILE A 159 7.36 -4.64 -19.66
C ILE A 159 8.41 -4.05 -20.62
N ASN A 160 9.65 -4.52 -20.50
CA ASN A 160 10.73 -4.00 -21.36
C ASN A 160 11.10 -4.91 -22.54
N ASP A 161 10.39 -6.03 -22.68
CA ASP A 161 10.58 -6.93 -23.81
C ASP A 161 10.47 -6.15 -25.11
N PRO A 162 11.29 -6.51 -26.11
CA PRO A 162 11.22 -5.79 -27.38
C PRO A 162 9.86 -5.89 -28.08
N ARG A 163 9.14 -7.00 -27.89
CA ARG A 163 7.82 -7.14 -28.50
C ARG A 163 6.79 -6.17 -27.89
N LEU A 164 7.15 -5.58 -26.74
CA LEU A 164 6.28 -4.58 -26.11
C LEU A 164 6.79 -3.17 -26.41
N ARG A 165 8.09 -2.98 -26.24
CA ARG A 165 8.69 -1.66 -26.45
C ARG A 165 8.84 -1.32 -27.93
N ASN A 166 8.78 -2.34 -28.78
CA ASN A 166 8.85 -2.17 -30.24
C ASN A 166 7.71 -2.93 -30.91
N PRO A 167 6.46 -2.46 -30.71
CA PRO A 167 5.24 -3.22 -31.04
C PRO A 167 4.91 -3.34 -32.53
N SER A 168 4.19 -4.40 -32.87
CA SER A 168 3.62 -4.61 -34.21
C SER A 168 2.39 -5.49 -34.04
N ASP A 169 1.59 -5.65 -35.10
CA ASP A 169 0.38 -6.46 -35.01
C ASP A 169 0.61 -7.97 -35.03
N LYS A 170 1.87 -8.40 -34.93
CA LYS A 170 2.18 -9.83 -34.81
C LYS A 170 2.01 -10.26 -33.36
N PHE A 171 2.26 -9.33 -32.45
CA PHE A 171 2.14 -9.59 -31.02
C PHE A 171 1.28 -8.49 -30.35
N ILE A 172 0.04 -8.85 -30.03
CA ILE A 172 -0.95 -7.91 -29.53
C ILE A 172 -1.02 -7.92 -28.00
N TYR A 173 -0.87 -6.73 -27.40
CA TYR A 173 -1.03 -6.61 -25.96
C TYR A 173 -1.99 -5.47 -25.67
N ALA A 174 -2.60 -5.48 -24.49
CA ALA A 174 -3.66 -4.52 -24.19
C ALA A 174 -3.97 -4.47 -22.69
N THR A 175 -4.78 -3.49 -22.31
CA THR A 175 -5.36 -3.46 -20.95
C THR A 175 -6.88 -3.28 -21.04
N VAL A 176 -7.52 -2.97 -19.91
CA VAL A 176 -8.98 -2.71 -19.88
C VAL A 176 -9.28 -1.23 -20.18
N LYS A 177 -10.21 -0.97 -21.10
CA LYS A 177 -10.65 0.40 -21.37
C LYS A 177 -11.13 1.10 -20.13
N GLN A 178 -10.83 2.40 -20.06
CA GLN A 178 -11.37 3.27 -19.03
C GLN A 178 -11.04 2.77 -17.62
N SER A 179 -9.79 2.33 -17.47
CA SER A 179 -9.26 1.90 -16.19
C SER A 179 -8.05 2.75 -15.83
N SER A 180 -7.55 2.60 -14.60
CA SER A 180 -6.37 3.32 -14.15
C SER A 180 -5.14 2.91 -14.98
N VAL A 181 -5.16 1.69 -15.52
CA VAL A 181 -4.03 1.19 -16.27
C VAL A 181 -3.99 1.88 -17.64
N ASP A 182 -5.17 2.08 -18.22
CA ASP A 182 -5.29 2.90 -19.43
C ASP A 182 -4.70 4.31 -19.20
N ILE A 183 -5.08 4.96 -18.10
CA ILE A 183 -4.58 6.28 -17.75
C ILE A 183 -3.06 6.26 -17.56
N TYR A 184 -2.57 5.21 -16.90
CA TYR A 184 -1.15 5.09 -16.60
C TYR A 184 -0.32 5.15 -17.89
N PHE A 185 -0.80 4.49 -18.92
CA PHE A 185 -0.12 4.48 -20.21
C PHE A 185 -0.34 5.76 -21.05
N ARG A 186 -1.50 6.38 -20.95
CA ARG A 186 -1.78 7.60 -21.72
C ARG A 186 -0.96 8.80 -21.25
N ARG A 187 -0.72 8.89 -19.94
CA ARG A 187 -0.13 10.08 -19.33
C ARG A 187 1.41 10.22 -19.42
N GLN A 188 2.11 9.11 -19.63
CA GLN A 188 3.59 9.14 -19.60
C GLN A 188 4.21 9.16 -21.00
N VAL A 189 4.99 10.22 -21.28
CA VAL A 189 5.59 10.43 -22.60
C VAL A 189 6.41 9.23 -23.06
N GLU A 190 7.11 8.58 -22.14
CA GLU A 190 8.00 7.48 -22.49
C GLU A 190 7.24 6.18 -22.82
N LEU A 191 5.93 6.20 -22.62
CA LEU A 191 5.08 5.05 -22.92
C LEU A 191 4.28 5.31 -24.19
N SER A 192 4.58 6.41 -24.88
CA SER A 192 3.75 6.85 -26.00
C SER A 192 3.62 5.80 -27.11
N THR A 193 4.69 5.05 -27.37
CA THR A 193 4.65 4.00 -28.39
C THR A 193 3.78 2.82 -27.94
N MET A 194 3.96 2.39 -26.69
CA MET A 194 3.13 1.33 -26.14
C MET A 194 1.64 1.72 -26.15
N TYR A 195 1.35 2.96 -25.76
CA TYR A 195 -0.04 3.39 -25.65
C TYR A 195 -0.78 3.35 -26.97
N ARG A 196 -0.07 3.71 -28.04
CA ARG A 196 -0.71 3.75 -29.35
C ARG A 196 -1.09 2.38 -29.86
N HIS A 197 -0.27 1.39 -29.54
CA HIS A 197 -0.60 0.00 -29.82
C HIS A 197 -1.83 -0.43 -29.01
N MET A 198 -1.74 -0.28 -27.68
CA MET A 198 -2.82 -0.69 -26.78
C MET A 198 -4.18 -0.06 -27.08
N GLU A 199 -4.20 1.22 -27.44
CA GLU A 199 -5.47 1.92 -27.67
C GLU A 199 -6.24 1.33 -28.86
N LYS A 200 -5.54 0.60 -29.72
CA LYS A 200 -6.19 -0.14 -30.80
C LYS A 200 -6.77 -1.47 -30.34
N HIS A 201 -6.46 -1.88 -29.10
CA HIS A 201 -6.74 -3.26 -28.69
C HIS A 201 -7.39 -3.44 -27.31
N ASN A 202 -7.46 -2.38 -26.51
CA ASN A 202 -8.01 -2.49 -25.15
C ASN A 202 -9.35 -3.20 -25.07
N TYR A 203 -9.63 -3.87 -23.95
CA TYR A 203 -10.87 -4.63 -23.80
C TYR A 203 -11.90 -3.97 -22.89
N GLU A 204 -13.15 -4.37 -23.04
CA GLU A 204 -14.23 -3.80 -22.23
C GLU A 204 -14.14 -4.20 -20.75
N SER A 205 -13.59 -5.39 -20.48
CA SER A 205 -13.43 -5.86 -19.10
C SER A 205 -12.29 -6.85 -18.96
N ALA A 206 -11.87 -7.08 -17.72
CA ALA A 206 -10.75 -7.98 -17.45
C ALA A 206 -11.08 -9.45 -17.81
N ALA A 207 -12.29 -9.89 -17.52
CA ALA A 207 -12.69 -11.25 -17.90
C ALA A 207 -12.57 -11.51 -19.39
N GLU A 208 -13.04 -10.56 -20.20
CA GLU A 208 -12.95 -10.65 -21.67
C GLU A 208 -11.50 -10.68 -22.14
N ALA A 209 -10.64 -9.89 -21.50
CA ALA A 209 -9.24 -9.86 -21.90
C ALA A 209 -8.56 -11.18 -21.51
N ILE A 210 -8.92 -11.70 -20.34
CA ILE A 210 -8.35 -12.95 -19.85
C ILE A 210 -8.77 -14.12 -20.73
N GLN A 211 -10.05 -14.18 -21.07
CA GLN A 211 -10.56 -15.21 -21.98
C GLN A 211 -9.87 -15.11 -23.33
N ALA A 212 -9.64 -13.88 -23.76
CA ALA A 212 -8.95 -13.63 -25.01
C ALA A 212 -7.49 -14.15 -25.02
N VAL A 213 -6.80 -14.04 -23.89
CA VAL A 213 -5.44 -14.60 -23.76
C VAL A 213 -5.48 -16.13 -23.84
N ARG A 214 -6.49 -16.73 -23.23
CA ARG A 214 -6.64 -18.19 -23.30
C ARG A 214 -6.91 -18.66 -24.74
N ASP A 215 -7.67 -17.88 -25.49
CA ASP A 215 -8.04 -18.24 -26.87
C ASP A 215 -7.01 -17.77 -27.89
N ASN A 216 -5.86 -17.31 -27.39
CA ASN A 216 -4.76 -16.83 -28.25
C ASN A 216 -5.15 -15.65 -29.16
N LYS A 217 -6.14 -14.87 -28.77
CA LYS A 217 -6.53 -13.68 -29.52
C LYS A 217 -5.85 -12.44 -28.96
N LEU A 218 -5.48 -12.52 -27.68
CA LEU A 218 -4.67 -11.49 -27.03
C LEU A 218 -3.41 -12.19 -26.55
N HIS A 219 -2.24 -11.59 -26.80
CA HIS A 219 -0.97 -12.24 -26.46
C HIS A 219 -0.41 -11.82 -25.10
N ALA A 220 -0.69 -10.59 -24.69
CA ALA A 220 -0.35 -10.14 -23.34
C ALA A 220 -1.42 -9.20 -22.78
N PHE A 221 -1.76 -9.38 -21.50
CA PHE A 221 -2.76 -8.53 -20.83
C PHE A 221 -2.08 -7.84 -19.64
N ILE A 222 -2.03 -6.51 -19.67
CA ILE A 222 -1.42 -5.74 -18.59
C ILE A 222 -2.51 -5.33 -17.60
N TRP A 223 -2.37 -5.72 -16.34
CA TRP A 223 -3.45 -5.49 -15.39
C TRP A 223 -2.96 -5.63 -13.95
N ASP A 224 -3.88 -5.45 -13.01
CA ASP A 224 -3.60 -5.57 -11.58
C ASP A 224 -3.06 -6.94 -11.17
N SER A 225 -1.91 -6.95 -10.49
CA SER A 225 -1.31 -8.22 -10.09
C SER A 225 -2.19 -9.00 -9.10
N ALA A 226 -2.97 -8.31 -8.26
CA ALA A 226 -3.80 -9.06 -7.33
C ALA A 226 -4.80 -9.92 -8.07
N VAL A 227 -5.28 -9.42 -9.22
CA VAL A 227 -6.20 -10.18 -10.06
C VAL A 227 -5.48 -11.21 -10.94
N LEU A 228 -4.42 -10.79 -11.62
CA LEU A 228 -3.70 -11.67 -12.55
C LEU A 228 -3.06 -12.90 -11.89
N GLU A 229 -2.45 -12.69 -10.73
CA GLU A 229 -1.79 -13.80 -10.04
C GLU A 229 -2.85 -14.79 -9.56
N PHE A 230 -4.01 -14.27 -9.17
CA PHE A 230 -5.13 -15.15 -8.82
C PHE A 230 -5.60 -15.95 -10.02
N GLU A 231 -5.79 -15.28 -11.15
CA GLU A 231 -6.21 -15.98 -12.37
C GLU A 231 -5.23 -17.06 -12.79
N ALA A 232 -3.93 -16.74 -12.75
CA ALA A 232 -2.88 -17.70 -13.04
C ALA A 232 -2.85 -18.89 -12.06
N SER A 233 -3.32 -18.69 -10.84
CA SER A 233 -3.30 -19.74 -9.83
C SER A 233 -4.49 -20.70 -9.99
N GLN A 234 -5.47 -20.28 -10.78
CA GLN A 234 -6.69 -21.08 -10.98
C GLN A 234 -6.65 -21.75 -12.35
N LYS A 235 -6.05 -21.07 -13.32
CA LYS A 235 -6.02 -21.53 -14.70
C LYS A 235 -4.60 -21.82 -15.14
N CYS A 236 -4.25 -23.11 -15.15
CA CYS A 236 -2.86 -23.50 -15.31
C CYS A 236 -2.29 -23.25 -16.71
N ASP A 237 -3.14 -22.85 -17.64
CA ASP A 237 -2.67 -22.49 -18.99
C ASP A 237 -2.25 -21.01 -19.07
N LEU A 238 -2.36 -20.29 -17.95
CA LEU A 238 -2.01 -18.87 -17.89
C LEU A 238 -0.87 -18.63 -16.89
N VAL A 239 0.06 -17.74 -17.23
CA VAL A 239 1.13 -17.36 -16.32
C VAL A 239 1.37 -15.87 -16.35
N THR A 240 1.96 -15.33 -15.29
CA THR A 240 2.36 -13.92 -15.28
C THR A 240 3.86 -13.80 -15.50
N THR A 241 4.32 -12.60 -15.82
CA THR A 241 5.74 -12.25 -15.83
C THR A 241 6.40 -12.66 -14.52
N GLY A 242 5.71 -12.38 -13.41
CA GLY A 242 6.28 -12.51 -12.09
C GLY A 242 6.40 -11.13 -11.46
N GLU A 243 7.28 -10.31 -12.03
CA GLU A 243 7.59 -9.01 -11.45
C GLU A 243 6.47 -7.99 -11.57
N LEU A 244 6.34 -7.13 -10.57
CA LEU A 244 5.52 -5.93 -10.70
C LEU A 244 6.42 -4.90 -11.37
N PHE A 245 5.87 -4.14 -12.30
CA PHE A 245 6.65 -3.04 -12.89
C PHE A 245 6.19 -1.69 -12.36
N PHE A 246 5.11 -1.71 -11.58
CA PHE A 246 4.59 -0.51 -10.94
C PHE A 246 3.81 -0.95 -9.70
N ARG A 247 3.90 -0.21 -8.60
CA ARG A 247 3.15 -0.55 -7.39
C ARG A 247 2.02 0.44 -7.16
N SER A 248 0.87 -0.10 -6.76
CA SER A 248 -0.29 0.75 -6.50
C SER A 248 -1.16 0.13 -5.40
N GLY A 249 -2.13 0.90 -4.91
CA GLY A 249 -3.03 0.42 -3.88
C GLY A 249 -4.47 0.62 -4.28
N PHE A 250 -5.35 -0.21 -3.72
CA PHE A 250 -6.79 -0.05 -3.86
C PHE A 250 -7.33 0.68 -2.64
N GLY A 251 -8.26 1.60 -2.86
CA GLY A 251 -8.84 2.32 -1.75
C GLY A 251 -10.35 2.39 -1.90
N ILE A 252 -11.05 2.60 -0.80
CA ILE A 252 -12.48 2.91 -0.84
C ILE A 252 -12.62 4.34 -1.35
N GLY A 253 -13.59 4.60 -2.24
CA GLY A 253 -13.79 5.94 -2.75
C GLY A 253 -15.07 6.59 -2.23
N MET A 254 -14.97 7.86 -1.82
CA MET A 254 -16.12 8.62 -1.33
C MET A 254 -16.04 10.03 -1.90
N ARG A 255 -17.16 10.77 -1.92
CA ARG A 255 -17.13 12.17 -2.32
C ARG A 255 -16.45 12.95 -1.19
N LYS A 256 -15.93 14.14 -1.49
CA LYS A 256 -15.15 14.87 -0.49
C LYS A 256 -15.94 15.39 0.70
N ASP A 257 -17.26 15.39 0.60
CA ASP A 257 -18.10 15.85 1.71
C ASP A 257 -18.58 14.71 2.61
N SER A 258 -18.09 13.50 2.35
CA SER A 258 -18.56 12.32 3.07
C SER A 258 -18.26 12.41 4.56
N PRO A 259 -19.29 12.18 5.39
CA PRO A 259 -19.12 12.13 6.86
C PRO A 259 -18.44 10.84 7.31
N TRP A 260 -18.24 9.89 6.39
CA TRP A 260 -17.69 8.59 6.76
C TRP A 260 -16.17 8.47 6.56
N LYS A 261 -15.58 9.41 5.83
CA LYS A 261 -14.21 9.21 5.35
C LYS A 261 -13.14 8.99 6.43
N GLN A 262 -13.18 9.73 7.53
CA GLN A 262 -12.21 9.50 8.60
C GLN A 262 -12.32 8.09 9.16
N ASN A 263 -13.54 7.67 9.51
CA ASN A 263 -13.70 6.39 10.18
C ASN A 263 -13.48 5.19 9.26
N VAL A 264 -13.72 5.38 7.96
CA VAL A 264 -13.42 4.33 6.99
C VAL A 264 -11.92 4.06 6.98
N SER A 265 -11.12 5.12 6.90
CA SER A 265 -9.67 4.95 6.93
C SER A 265 -9.18 4.35 8.23
N LEU A 266 -9.66 4.84 9.37
CA LEU A 266 -9.23 4.27 10.65
C LEU A 266 -9.58 2.80 10.75
N SER A 267 -10.75 2.43 10.20
CA SER A 267 -11.22 1.05 10.21
CA SER A 267 -11.19 1.04 10.23
C SER A 267 -10.30 0.17 9.37
N ILE A 268 -9.87 0.70 8.23
CA ILE A 268 -8.95 -0.02 7.35
C ILE A 268 -7.60 -0.21 8.04
N LEU A 269 -7.07 0.86 8.66
CA LEU A 269 -5.80 0.74 9.37
C LEU A 269 -5.93 -0.28 10.51
N LYS A 270 -7.01 -0.18 11.28
CA LYS A 270 -7.27 -1.15 12.35
C LYS A 270 -7.30 -2.60 11.85
N SER A 271 -7.96 -2.81 10.70
CA SER A 271 -8.07 -4.14 10.09
C SER A 271 -6.76 -4.71 9.57
N HIS A 272 -5.88 -3.85 9.09
CA HIS A 272 -4.55 -4.34 8.71
C HIS A 272 -3.81 -4.80 9.96
N GLU A 273 -3.93 -4.01 11.03
CA GLU A 273 -3.12 -4.25 12.21
C GLU A 273 -3.56 -5.43 13.06
N ASN A 274 -4.85 -5.78 12.99
CA ASN A 274 -5.38 -6.88 13.80
C ASN A 274 -5.53 -8.19 13.03
N GLY A 275 -4.97 -8.24 11.83
CA GLY A 275 -4.97 -9.48 11.06
C GLY A 275 -6.26 -9.75 10.32
N PHE A 276 -7.20 -8.82 10.35
CA PHE A 276 -8.40 -9.00 9.54
C PHE A 276 -8.08 -9.05 8.05
N MET A 277 -7.22 -8.16 7.57
CA MET A 277 -6.86 -8.16 6.17
CA MET A 277 -6.85 -8.16 6.16
C MET A 277 -6.03 -9.39 5.82
N GLU A 278 -5.29 -9.89 6.81
CA GLU A 278 -4.51 -11.13 6.62
C GLU A 278 -5.48 -12.28 6.35
N ASP A 279 -6.52 -12.34 7.16
CA ASP A 279 -7.58 -13.34 6.95
C ASP A 279 -8.21 -13.25 5.54
N LEU A 280 -8.52 -12.03 5.10
CA LEU A 280 -9.14 -11.84 3.79
C LEU A 280 -8.17 -12.27 2.68
N ASP A 281 -6.89 -12.00 2.87
CA ASP A 281 -5.89 -12.34 1.86
C ASP A 281 -5.80 -13.85 1.73
N LYS A 282 -5.76 -14.55 2.85
CA LYS A 282 -5.72 -16.01 2.88
C LYS A 282 -7.00 -16.66 2.35
N THR A 283 -8.15 -16.04 2.64
CA THR A 283 -9.42 -16.58 2.18
C THR A 283 -9.61 -16.38 0.67
N TRP A 284 -9.26 -15.20 0.15
CA TRP A 284 -9.61 -14.86 -1.23
C TRP A 284 -8.47 -14.78 -2.21
N VAL A 285 -7.29 -14.38 -1.73
CA VAL A 285 -6.26 -13.87 -2.64
C VAL A 285 -5.08 -14.84 -2.76
N ARG A 286 -4.87 -15.67 -1.74
CA ARG A 286 -3.75 -16.61 -1.74
C ARG A 286 -4.17 -18.01 -2.22
N ASN B 4 2.94 30.35 5.41
CA ASN B 4 3.57 29.69 4.27
C ASN B 4 5.00 29.17 4.54
N HIS B 5 5.54 29.55 5.69
CA HIS B 5 6.84 29.06 6.13
C HIS B 5 6.61 28.12 7.31
N LEU B 6 7.07 26.88 7.19
CA LEU B 6 6.62 25.80 8.08
C LEU B 6 7.73 25.23 8.95
N SER B 7 7.39 24.96 10.21
CA SER B 7 8.28 24.20 11.09
C SER B 7 8.09 22.70 10.81
N ILE B 8 9.17 22.03 10.44
CA ILE B 8 9.08 20.61 10.08
C ILE B 8 10.07 19.78 10.90
N VAL B 9 9.61 18.67 11.45
CA VAL B 9 10.48 17.82 12.26
C VAL B 9 10.86 16.55 11.50
N THR B 10 12.09 16.10 11.72
CA THR B 10 12.50 14.81 11.20
CA THR B 10 12.59 14.84 11.17
C THR B 10 13.33 14.03 12.23
N LEU B 11 13.87 12.90 11.81
CA LEU B 11 14.55 11.98 12.71
C LEU B 11 15.54 11.20 11.89
N GLU B 12 16.76 11.07 12.38
CA GLU B 12 17.76 10.32 11.63
C GLU B 12 17.40 8.84 11.59
N GLU B 13 17.37 8.30 10.37
CA GLU B 13 17.31 6.87 10.13
C GLU B 13 17.72 6.59 8.69
N ALA B 14 18.98 6.23 8.48
CA ALA B 14 19.48 6.00 7.14
C ALA B 14 18.74 4.82 6.52
N PRO B 15 18.48 4.86 5.20
CA PRO B 15 18.85 5.92 4.25
C PRO B 15 17.74 6.96 4.05
N PHE B 16 16.72 6.96 4.90
CA PHE B 16 15.57 7.85 4.71
C PHE B 16 15.92 9.26 5.12
N VAL B 17 16.62 9.37 6.25
CA VAL B 17 17.15 10.64 6.74
C VAL B 17 18.54 10.36 7.28
N ILE B 18 19.53 11.04 6.70
CA ILE B 18 20.92 10.85 7.08
C ILE B 18 21.44 12.19 7.57
N VAL B 19 22.09 12.19 8.74
CA VAL B 19 22.50 13.45 9.35
C VAL B 19 24.01 13.55 9.33
N GLU B 20 24.52 14.73 8.98
CA GLU B 20 25.96 14.97 8.91
C GLU B 20 26.28 16.32 9.55
N ASP B 21 27.54 16.51 9.89
CA ASP B 21 27.95 17.79 10.44
C ASP B 21 28.12 18.80 9.32
N ILE B 22 28.03 20.07 9.67
CA ILE B 22 28.01 21.14 8.68
C ILE B 22 29.37 21.36 7.99
N CYS B 29 26.11 23.87 4.33
CA CYS B 29 25.68 22.47 4.17
C CYS B 29 26.14 21.86 2.84
N VAL B 30 25.74 22.49 1.74
CA VAL B 30 26.20 22.15 0.40
C VAL B 30 25.64 20.87 -0.22
N ARG B 31 25.70 20.79 -1.55
CA ARG B 31 25.28 19.62 -2.32
C ARG B 31 23.80 19.28 -2.24
N ASN B 32 23.51 18.00 -2.03
CA ASN B 32 22.14 17.53 -1.95
C ASN B 32 21.57 17.60 -0.52
N THR B 33 22.25 18.32 0.37
CA THR B 33 21.80 18.40 1.76
C THR B 33 20.99 19.67 2.05
N VAL B 34 20.20 19.62 3.12
CA VAL B 34 19.45 20.78 3.56
C VAL B 34 19.83 21.02 5.04
N PRO B 35 19.80 22.28 5.48
CA PRO B 35 20.12 22.52 6.88
C PRO B 35 19.05 21.95 7.80
N CYS B 36 19.48 21.39 8.93
CA CYS B 36 18.55 20.94 9.94
C CYS B 36 19.17 21.18 11.29
N ARG B 37 18.40 21.72 12.21
CA ARG B 37 19.00 21.99 13.51
C ARG B 37 18.70 20.90 14.52
N LYS B 38 19.57 20.79 15.51
CA LYS B 38 19.43 19.79 16.56
C LYS B 38 19.70 20.48 17.88
N PHE B 39 18.76 20.37 18.80
CA PHE B 39 18.97 20.88 20.14
C PHE B 39 19.75 19.82 20.89
N VAL B 40 20.96 20.16 21.31
CA VAL B 40 21.85 19.22 21.95
C VAL B 40 22.02 19.57 23.43
N LYS B 41 21.64 18.63 24.29
CA LYS B 41 21.63 18.84 25.75
C LYS B 41 23.01 18.98 26.36
N ILE B 42 23.11 19.81 27.39
CA ILE B 42 24.38 19.95 28.12
C ILE B 42 24.69 18.67 28.91
N ASN B 43 23.67 18.11 29.54
CA ASN B 43 23.81 16.85 30.27
C ASN B 43 22.43 16.22 30.43
N ASN B 44 22.35 15.06 31.08
CA ASN B 44 21.06 14.37 31.24
C ASN B 44 20.20 14.81 32.42
N SER B 45 20.68 15.81 33.16
CA SER B 45 19.96 16.27 34.34
C SER B 45 19.45 17.69 34.16
N THR B 46 19.39 18.14 32.90
CA THR B 46 18.97 19.51 32.62
C THR B 46 18.20 19.63 31.32
N ASN B 47 17.44 20.72 31.18
CA ASN B 47 16.75 21.02 29.92
C ASN B 47 17.61 21.95 29.08
N GLU B 48 18.70 22.43 29.64
CA GLU B 48 19.54 23.39 28.96
C GLU B 48 20.28 22.69 27.82
N GLY B 49 20.51 23.43 26.73
CA GLY B 49 21.21 22.84 25.60
C GLY B 49 21.59 23.91 24.60
N MET B 50 22.17 23.48 23.49
CA MET B 50 22.65 24.39 22.45
C MET B 50 22.03 23.94 21.15
N ASN B 51 21.60 24.88 20.33
CA ASN B 51 21.17 24.54 18.98
C ASN B 51 22.39 24.35 18.11
N VAL B 52 22.46 23.20 17.45
CA VAL B 52 23.62 22.85 16.65
C VAL B 52 23.18 22.75 15.20
N LYS B 53 23.95 23.32 14.28
CA LYS B 53 23.66 23.22 12.86
C LYS B 53 24.08 21.87 12.32
N LYS B 54 23.16 21.18 11.66
CA LYS B 54 23.50 19.90 11.01
C LYS B 54 23.02 19.99 9.58
N CYS B 55 23.37 18.98 8.78
CA CYS B 55 22.89 18.89 7.41
C CYS B 55 22.20 17.54 7.24
N CYS B 56 21.06 17.53 6.55
CA CYS B 56 20.26 16.34 6.39
C CYS B 56 20.12 15.96 4.92
N LYS B 57 20.12 14.68 4.63
CA LYS B 57 19.87 14.25 3.26
C LYS B 57 19.20 12.88 3.30
N GLY B 58 18.84 12.35 2.13
CA GLY B 58 18.33 11.00 2.09
C GLY B 58 17.00 10.93 1.39
N PHE B 59 16.39 9.75 1.38
CA PHE B 59 15.17 9.52 0.63
C PHE B 59 14.05 10.50 1.02
N CYS B 60 13.81 10.65 2.32
CA CYS B 60 12.71 11.50 2.75
C CYS B 60 13.01 12.98 2.60
N ILE B 61 14.29 13.33 2.64
CA ILE B 61 14.70 14.71 2.44
C ILE B 61 14.52 15.10 0.98
N ASP B 62 14.82 14.21 0.06
CA ASP B 62 14.55 14.47 -1.36
C ASP B 62 13.06 14.64 -1.62
N ILE B 63 12.24 13.85 -0.94
CA ILE B 63 10.80 14.04 -1.00
C ILE B 63 10.42 15.43 -0.51
N LEU B 64 10.99 15.84 0.62
CA LEU B 64 10.65 17.15 1.18
C LEU B 64 11.02 18.27 0.23
N LYS B 65 12.18 18.17 -0.40
CA LYS B 65 12.60 19.19 -1.35
C LYS B 65 11.62 19.29 -2.52
N LYS B 66 11.17 18.14 -2.99
CA LYS B 66 10.19 18.13 -4.09
C LYS B 66 8.85 18.69 -3.70
N LEU B 67 8.40 18.39 -2.48
CA LEU B 67 7.15 18.94 -1.99
C LEU B 67 7.21 20.47 -1.81
N SER B 68 8.29 20.96 -1.21
CA SER B 68 8.46 22.39 -0.98
CA SER B 68 8.40 22.39 -0.97
C SER B 68 8.36 23.14 -2.29
N ARG B 69 8.94 22.55 -3.34
CA ARG B 69 8.93 23.17 -4.66
C ARG B 69 7.55 23.07 -5.30
N THR B 70 7.00 21.86 -5.31
CA THR B 70 5.70 21.62 -5.95
C THR B 70 4.55 22.29 -5.20
N VAL B 71 4.53 22.16 -3.89
CA VAL B 71 3.44 22.68 -3.07
C VAL B 71 3.68 24.15 -2.69
N LYS B 72 4.90 24.62 -2.93
CA LYS B 72 5.28 26.02 -2.73
C LYS B 72 5.25 26.44 -1.27
N PHE B 73 6.16 25.89 -0.48
CA PHE B 73 6.33 26.34 0.90
C PHE B 73 7.81 26.37 1.22
N THR B 74 8.16 27.15 2.21
CA THR B 74 9.52 27.11 2.75
C THR B 74 9.39 26.54 4.16
N TYR B 75 10.51 26.16 4.75
CA TYR B 75 10.46 25.45 6.02
C TYR B 75 11.75 25.63 6.83
N ASP B 76 11.63 25.41 8.14
CA ASP B 76 12.80 25.23 8.99
C ASP B 76 12.73 23.81 9.51
N LEU B 77 13.73 23.02 9.17
CA LEU B 77 13.79 21.61 9.54
C LEU B 77 14.58 21.45 10.85
N TYR B 78 14.05 20.66 11.77
CA TYR B 78 14.78 20.32 12.99
C TYR B 78 14.66 18.83 13.32
N LEU B 79 15.66 18.31 14.03
CA LEU B 79 15.66 16.91 14.43
C LEU B 79 15.01 16.74 15.80
N VAL B 80 14.14 15.73 15.93
CA VAL B 80 13.43 15.55 17.19
C VAL B 80 14.43 15.14 18.27
N THR B 81 14.21 15.56 19.51
CA THR B 81 15.18 15.23 20.56
C THR B 81 14.60 14.41 21.69
N ASN B 82 13.27 14.41 21.82
CA ASN B 82 12.61 13.61 22.84
C ASN B 82 11.89 12.40 22.23
N GLY B 83 12.56 11.25 22.25
CA GLY B 83 12.00 10.04 21.68
C GLY B 83 12.31 9.99 20.20
N LYS B 84 11.68 9.05 19.49
CA LYS B 84 12.03 8.82 18.09
C LYS B 84 10.85 9.11 17.15
N HIS B 85 10.30 8.07 16.55
CA HIS B 85 9.18 8.29 15.62
C HIS B 85 7.93 8.81 16.32
N GLY B 86 7.58 8.22 17.45
CA GLY B 86 6.38 8.64 18.15
C GLY B 86 5.73 7.50 18.93
N LYS B 87 5.76 7.62 20.25
CA LYS B 87 5.15 6.62 21.12
CA LYS B 87 5.18 6.61 21.12
C LYS B 87 4.27 7.29 22.15
N LYS B 88 3.11 6.69 22.40
CA LYS B 88 2.15 7.22 23.36
C LYS B 88 2.38 6.54 24.70
N VAL B 89 2.86 7.29 25.68
CA VAL B 89 3.07 6.71 27.01
C VAL B 89 2.09 7.36 27.99
N ASN B 90 1.23 6.56 28.60
CA ASN B 90 0.20 7.09 29.50
C ASN B 90 -0.59 8.22 28.85
N ASN B 91 -0.95 8.01 27.59
CA ASN B 91 -1.69 9.01 26.79
C ASN B 91 -0.93 10.29 26.49
N VAL B 92 0.41 10.26 26.66
CA VAL B 92 1.25 11.37 26.22
C VAL B 92 2.26 10.99 25.12
N TRP B 93 2.20 11.71 24.01
CA TRP B 93 3.04 11.41 22.84
C TRP B 93 4.42 12.03 22.91
N ASN B 94 5.44 11.25 22.52
CA ASN B 94 6.76 11.81 22.27
C ASN B 94 7.14 11.67 20.79
N GLY B 95 8.42 11.89 20.51
CA GLY B 95 8.96 11.71 19.17
C GLY B 95 8.36 12.67 18.17
N MET B 96 8.47 12.33 16.88
CA MET B 96 7.95 13.19 15.82
C MET B 96 6.44 13.39 15.95
N ILE B 97 5.72 12.33 16.29
CA ILE B 97 4.28 12.46 16.46
C ILE B 97 3.97 13.54 17.52
N GLY B 98 4.66 13.46 18.66
CA GLY B 98 4.52 14.46 19.71
C GLY B 98 4.72 15.90 19.24
N GLU B 99 5.77 16.14 18.46
CA GLU B 99 6.03 17.47 17.93
C GLU B 99 4.86 18.02 17.14
N VAL B 100 4.19 17.15 16.37
CA VAL B 100 3.06 17.58 15.57
C VAL B 100 1.82 17.75 16.47
N VAL B 101 1.59 16.76 17.33
CA VAL B 101 0.42 16.79 18.21
C VAL B 101 0.42 18.04 19.07
N TYR B 102 1.58 18.37 19.64
CA TYR B 102 1.69 19.54 20.52
C TYR B 102 2.06 20.84 19.79
N GLN B 103 1.93 20.80 18.46
CA GLN B 103 1.98 22.00 17.61
C GLN B 103 3.31 22.75 17.58
N ARG B 104 4.40 22.01 17.80
CA ARG B 104 5.74 22.54 17.63
C ARG B 104 6.20 22.33 16.19
N ALA B 105 5.55 21.40 15.49
CA ALA B 105 5.82 21.19 14.07
C ALA B 105 4.50 21.09 13.31
N VAL B 106 4.52 21.57 12.08
CA VAL B 106 3.36 21.53 11.18
C VAL B 106 3.36 20.20 10.44
N MET B 107 4.54 19.61 10.32
CA MET B 107 4.73 18.39 9.52
CA MET B 107 4.71 18.41 9.52
C MET B 107 5.87 17.57 10.09
N ALA B 108 5.78 16.25 9.93
CA ALA B 108 6.86 15.34 10.32
C ALA B 108 7.24 14.49 9.10
N VAL B 109 8.53 14.42 8.80
CA VAL B 109 9.02 13.77 7.59
C VAL B 109 10.09 12.76 7.99
N GLY B 110 9.97 11.55 7.49
CA GLY B 110 10.93 10.53 7.85
C GLY B 110 10.28 9.19 7.68
N SER B 111 10.91 8.16 8.24
CA SER B 111 10.47 6.78 8.07
C SER B 111 9.33 6.53 9.06
N LEU B 112 8.24 7.28 8.87
CA LEU B 112 7.16 7.34 9.85
C LEU B 112 5.99 6.46 9.45
N THR B 113 5.78 5.37 10.19
CA THR B 113 4.76 4.39 9.83
C THR B 113 3.36 4.91 10.10
N ILE B 114 2.50 4.80 9.10
CA ILE B 114 1.09 5.14 9.27
C ILE B 114 0.43 4.03 10.07
N ASN B 115 -0.22 4.38 11.18
CA ASN B 115 -1.03 3.42 11.94
C ASN B 115 -2.29 4.04 12.53
N GLU B 116 -3.18 3.21 13.09
CA GLU B 116 -4.44 3.72 13.60
C GLU B 116 -4.26 4.64 14.80
N GLU B 117 -3.44 4.22 15.76
CA GLU B 117 -3.20 4.98 16.99
C GLU B 117 -2.74 6.41 16.68
N ARG B 118 -1.79 6.54 15.76
CA ARG B 118 -1.29 7.86 15.37
C ARG B 118 -2.30 8.64 14.56
N SER B 119 -3.06 7.96 13.69
CA SER B 119 -4.02 8.63 12.82
C SER B 119 -5.17 9.23 13.61
N GLU B 120 -5.32 8.80 14.87
CA GLU B 120 -6.32 9.39 15.75
C GLU B 120 -5.94 10.81 16.20
N VAL B 121 -4.64 11.09 16.24
CA VAL B 121 -4.14 12.39 16.71
C VAL B 121 -3.42 13.26 15.64
N VAL B 122 -3.02 12.68 14.52
CA VAL B 122 -2.46 13.47 13.43
C VAL B 122 -3.12 13.08 12.12
N ASP B 123 -3.01 13.91 11.08
CA ASP B 123 -3.43 13.43 9.75
C ASP B 123 -2.20 12.84 9.06
N PHE B 124 -2.38 11.78 8.27
CA PHE B 124 -1.29 11.29 7.43
C PHE B 124 -1.54 11.57 5.95
N SER B 125 -0.47 11.84 5.21
CA SER B 125 -0.56 11.88 3.76
C SER B 125 -0.78 10.46 3.26
N VAL B 126 -1.00 10.32 1.96
CA VAL B 126 -0.93 8.99 1.32
C VAL B 126 0.44 8.37 1.61
N PRO B 127 0.52 7.03 1.64
CA PRO B 127 1.83 6.41 1.85
C PRO B 127 2.77 6.62 0.66
N PHE B 128 4.04 6.89 0.94
CA PHE B 128 4.98 7.12 -0.16
C PHE B 128 6.02 6.01 -0.33
N VAL B 129 6.08 5.10 0.65
CA VAL B 129 6.95 3.93 0.66
C VAL B 129 6.13 2.85 1.31
N GLU B 130 6.09 1.65 0.71
CA GLU B 130 5.34 0.57 1.35
C GLU B 130 6.11 -0.06 2.50
N THR B 131 5.41 -0.46 3.55
CA THR B 131 6.05 -1.18 4.63
C THR B 131 5.03 -2.09 5.36
N GLY B 132 5.43 -2.62 6.49
CA GLY B 132 4.60 -3.57 7.20
C GLY B 132 5.52 -4.48 8.01
N ILE B 133 5.01 -5.63 8.45
CA ILE B 133 5.83 -6.56 9.21
C ILE B 133 6.37 -7.63 8.28
N SER B 134 7.69 -7.64 8.11
CA SER B 134 8.33 -8.59 7.19
C SER B 134 9.21 -9.57 7.96
N VAL B 135 9.76 -10.54 7.24
CA VAL B 135 10.65 -11.53 7.86
C VAL B 135 11.91 -11.61 7.02
N MET B 136 13.07 -11.57 7.68
CA MET B 136 14.34 -11.80 7.00
C MET B 136 14.97 -13.11 7.50
N VAL B 137 15.48 -13.91 6.56
CA VAL B 137 16.16 -15.17 6.89
C VAL B 137 17.45 -15.29 6.07
N SER B 138 18.27 -16.28 6.38
CA SER B 138 19.39 -16.61 5.50
C SER B 138 18.85 -17.33 4.26
N ARG B 139 19.47 -17.09 3.11
CA ARG B 139 19.04 -17.71 1.85
C ARG B 139 19.01 -19.23 2.01
N GLY B 140 17.89 -19.85 1.66
CA GLY B 140 17.74 -21.29 1.85
C GLY B 140 16.67 -21.65 2.87
N THR B 141 16.51 -20.80 3.89
CA THR B 141 15.47 -21.00 4.89
C THR B 141 14.11 -20.69 4.30
N GLN B 142 13.12 -21.55 4.58
CA GLN B 142 11.80 -21.42 3.98
C GLN B 142 10.69 -21.06 4.99
N VAL B 143 10.21 -19.82 4.92
CA VAL B 143 9.08 -19.39 5.74
C VAL B 143 8.21 -18.51 4.86
N THR B 144 6.91 -18.48 5.17
CA THR B 144 5.96 -17.72 4.35
C THR B 144 5.82 -16.27 4.78
N GLY B 145 5.80 -16.01 6.07
CA GLY B 145 5.60 -14.67 6.59
C GLY B 145 5.25 -14.81 8.06
N LEU B 146 4.87 -13.72 8.71
CA LEU B 146 4.60 -13.74 10.16
C LEU B 146 3.59 -14.80 10.55
N SER B 147 2.57 -15.01 9.71
CA SER B 147 1.51 -15.96 10.07
C SER B 147 1.88 -17.44 9.85
N ASP B 148 3.10 -17.70 9.37
CA ASP B 148 3.57 -19.09 9.21
C ASP B 148 3.41 -19.90 10.50
N LYS B 149 3.02 -21.17 10.39
CA LYS B 149 2.84 -22.04 11.57
C LYS B 149 4.14 -22.25 12.34
N LYS B 150 5.26 -22.13 11.64
CA LYS B 150 6.59 -22.23 12.26
C LYS B 150 6.80 -21.16 13.32
N PHE B 151 6.17 -20.00 13.10
CA PHE B 151 6.22 -18.89 14.06
C PHE B 151 5.08 -18.98 15.06
N GLN B 152 3.87 -19.25 14.58
CA GLN B 152 2.69 -19.33 15.46
C GLN B 152 2.73 -20.43 16.51
N ARG B 153 3.20 -21.61 16.09
CA ARG B 153 3.32 -22.77 16.98
C ARG B 153 4.72 -23.33 16.90
N PRO B 154 5.70 -22.62 17.49
CA PRO B 154 7.10 -23.03 17.27
C PRO B 154 7.44 -24.43 17.79
N HIS B 155 6.81 -24.88 18.87
CA HIS B 155 7.13 -26.20 19.39
C HIS B 155 6.50 -27.38 18.63
N ASP B 156 5.80 -27.07 17.54
CA ASP B 156 5.33 -28.10 16.61
C ASP B 156 6.49 -28.63 15.75
N TYR B 157 7.66 -28.02 15.90
CA TYR B 157 8.81 -28.41 15.09
C TYR B 157 10.01 -28.69 15.97
N SER B 158 10.89 -29.57 15.50
CA SER B 158 12.14 -29.88 16.21
C SER B 158 13.33 -29.84 15.27
N PRO B 159 14.28 -28.94 15.56
CA PRO B 159 14.24 -28.05 16.71
C PRO B 159 13.29 -26.85 16.46
N PRO B 160 12.88 -26.16 17.53
CA PRO B 160 12.01 -25.01 17.26
C PRO B 160 12.80 -23.90 16.58
N PHE B 161 12.14 -23.13 15.73
CA PHE B 161 12.74 -22.01 15.03
C PHE B 161 13.29 -20.97 16.01
N ARG B 162 14.49 -20.47 15.74
CA ARG B 162 15.01 -19.36 16.54
C ARG B 162 14.72 -18.03 15.82
N PHE B 163 13.87 -17.20 16.43
CA PHE B 163 13.43 -15.97 15.77
C PHE B 163 13.07 -14.88 16.77
N GLY B 164 13.37 -13.65 16.42
CA GLY B 164 13.13 -12.55 17.33
C GLY B 164 12.86 -11.24 16.60
N THR B 165 12.56 -10.21 17.38
CA THR B 165 12.42 -8.87 16.84
C THR B 165 13.18 -7.93 17.77
N VAL B 166 13.14 -6.62 17.46
CA VAL B 166 13.67 -5.60 18.37
C VAL B 166 12.51 -5.20 19.26
N PRO B 167 12.67 -5.34 20.58
CA PRO B 167 11.51 -5.16 21.46
C PRO B 167 11.17 -3.70 21.72
N ASN B 168 10.03 -3.47 22.36
CA ASN B 168 9.59 -2.15 22.84
C ASN B 168 9.02 -1.22 21.77
N GLY B 169 8.89 -1.70 20.55
CA GLY B 169 8.32 -0.90 19.49
C GLY B 169 7.03 -1.47 18.93
N SER B 170 6.66 -1.04 17.72
CA SER B 170 5.39 -1.44 17.15
C SER B 170 5.35 -2.89 16.63
N THR B 171 6.50 -3.40 16.20
CA THR B 171 6.53 -4.79 15.73
C THR B 171 6.17 -5.73 16.88
N GLU B 172 6.87 -5.57 18.01
CA GLU B 172 6.57 -6.39 19.19
C GLU B 172 5.12 -6.22 19.61
N ARG B 173 4.63 -4.98 19.60
CA ARG B 173 3.28 -4.70 20.08
C ARG B 173 2.26 -5.40 19.22
N ASN B 174 2.48 -5.40 17.91
CA ASN B 174 1.59 -6.08 17.00
C ASN B 174 1.54 -7.59 17.23
N ILE B 175 2.72 -8.21 17.38
CA ILE B 175 2.80 -9.63 17.64
C ILE B 175 2.16 -9.98 18.97
N ARG B 176 2.45 -9.18 19.99
CA ARG B 176 1.83 -9.40 21.30
C ARG B 176 0.30 -9.40 21.18
N ASN B 177 -0.24 -8.48 20.41
CA ASN B 177 -1.70 -8.39 20.25
C ASN B 177 -2.31 -9.51 19.41
N ASN B 178 -1.58 -9.96 18.38
CA ASN B 178 -2.14 -10.89 17.39
C ASN B 178 -1.78 -12.34 17.59
N TYR B 179 -0.59 -12.60 18.14
CA TYR B 179 -0.10 -13.97 18.32
C TYR B 179 0.53 -14.11 19.70
N PRO B 180 -0.31 -14.24 20.71
CA PRO B 180 0.19 -14.16 22.09
C PRO B 180 1.22 -15.24 22.40
N TYR B 181 1.05 -16.47 21.89
CA TYR B 181 2.06 -17.47 22.17
C TYR B 181 3.38 -17.17 21.46
N MET B 182 3.30 -16.82 20.17
CA MET B 182 4.50 -16.41 19.44
C MET B 182 5.26 -15.32 20.20
N HIS B 183 4.52 -14.37 20.74
CA HIS B 183 5.16 -13.28 21.49
C HIS B 183 5.91 -13.80 22.72
N GLN B 184 5.23 -14.65 23.47
CA GLN B 184 5.78 -15.29 24.67
C GLN B 184 7.07 -16.05 24.37
N TYR B 185 7.04 -16.82 23.29
CA TYR B 185 8.18 -17.62 22.88
C TYR B 185 9.39 -16.79 22.44
N MET B 186 9.16 -15.72 21.69
CA MET B 186 10.25 -15.06 20.98
C MET B 186 11.05 -14.05 21.82
N THR B 187 10.54 -13.71 23.00
CA THR B 187 11.23 -12.74 23.85
C THR B 187 12.65 -13.20 24.21
N ARG B 188 12.86 -14.51 24.29
CA ARG B 188 14.20 -15.02 24.57
C ARG B 188 15.18 -14.72 23.43
N PHE B 189 14.65 -14.43 22.25
CA PHE B 189 15.49 -14.03 21.11
C PHE B 189 15.41 -12.55 20.78
N ASN B 190 15.01 -11.72 21.75
CA ASN B 190 15.00 -10.27 21.53
C ASN B 190 16.34 -9.80 20.99
N GLN B 191 16.33 -8.92 20.00
CA GLN B 191 17.57 -8.35 19.45
C GLN B 191 17.69 -6.87 19.86
N ARG B 192 18.88 -6.45 20.26
CA ARG B 192 19.07 -5.06 20.71
C ARG B 192 18.80 -4.04 19.62
N GLY B 193 19.11 -4.42 18.39
CA GLY B 193 18.88 -3.53 17.26
C GLY B 193 18.98 -4.32 15.98
N VAL B 194 18.75 -3.63 14.86
CA VAL B 194 18.81 -4.28 13.57
C VAL B 194 20.20 -4.85 13.23
N GLU B 195 21.25 -4.05 13.47
CA GLU B 195 22.61 -4.48 13.14
C GLU B 195 23.01 -5.77 13.88
N ASP B 196 22.65 -5.86 15.15
CA ASP B 196 22.86 -7.08 15.94
C ASP B 196 22.13 -8.26 15.30
N ALA B 197 20.91 -8.04 14.87
CA ALA B 197 20.10 -9.11 14.32
C ALA B 197 20.69 -9.62 13.01
N LEU B 198 21.18 -8.72 12.15
CA LEU B 198 21.78 -9.14 10.89
C LEU B 198 22.97 -10.08 11.13
N VAL B 199 23.79 -9.74 12.10
CA VAL B 199 24.95 -10.56 12.43
C VAL B 199 24.54 -11.90 13.01
N SER B 200 23.50 -11.90 13.84
CA SER B 200 23.00 -13.13 14.44
CA SER B 200 23.01 -13.13 14.43
C SER B 200 22.53 -14.10 13.34
N LEU B 201 21.83 -13.57 12.34
CA LEU B 201 21.36 -14.39 11.22
C LEU B 201 22.53 -14.95 10.44
N LYS B 202 23.45 -14.06 10.06
CA LYS B 202 24.59 -14.43 9.22
C LYS B 202 25.56 -15.40 9.90
N THR B 203 25.54 -15.46 11.22
CA THR B 203 26.45 -16.35 11.93
C THR B 203 25.70 -17.56 12.51
N GLY B 204 24.46 -17.76 12.06
CA GLY B 204 23.70 -18.94 12.43
C GLY B 204 23.24 -19.01 13.87
N LYS B 205 23.11 -17.85 14.51
CA LYS B 205 22.67 -17.80 15.91
C LYS B 205 21.16 -17.56 15.96
N LEU B 206 20.60 -17.24 14.80
CA LEU B 206 19.18 -16.86 14.69
C LEU B 206 18.72 -17.32 13.31
N ASP B 207 17.50 -17.86 13.23
CA ASP B 207 16.98 -18.38 11.97
C ASP B 207 16.13 -17.35 11.21
N ALA B 208 15.50 -16.45 11.95
CA ALA B 208 14.65 -15.44 11.33
C ALA B 208 14.60 -14.17 12.19
N PHE B 209 14.48 -13.03 11.53
CA PHE B 209 14.36 -11.73 12.21
C PHE B 209 13.10 -11.06 11.68
N ILE B 210 12.21 -10.70 12.59
CA ILE B 210 10.93 -10.11 12.20
C ILE B 210 10.93 -8.61 12.47
N TYR B 211 10.68 -7.80 11.44
CA TYR B 211 10.84 -6.36 11.59
C TYR B 211 10.15 -5.58 10.46
N ASP B 212 10.24 -4.25 10.52
CA ASP B 212 9.75 -3.35 9.49
C ASP B 212 10.24 -3.72 8.10
N ALA B 213 9.30 -3.87 7.17
CA ALA B 213 9.58 -4.33 5.82
C ALA B 213 10.51 -3.42 5.03
N ALA B 214 10.29 -2.11 5.08
CA ALA B 214 11.16 -1.21 4.31
C ALA B 214 12.61 -1.27 4.77
N VAL B 215 12.80 -1.38 6.07
CA VAL B 215 14.14 -1.47 6.61
C VAL B 215 14.79 -2.80 6.21
N LEU B 216 14.06 -3.90 6.34
CA LEU B 216 14.64 -5.21 6.00
C LEU B 216 14.95 -5.32 4.51
N ASN B 217 14.07 -4.78 3.67
CA ASN B 217 14.33 -4.77 2.23
C ASN B 217 15.62 -4.03 1.90
N TYR B 218 15.81 -2.88 2.56
CA TYR B 218 17.00 -2.09 2.34
C TYR B 218 18.27 -2.83 2.80
N LYS B 219 18.20 -3.49 3.96
CA LYS B 219 19.35 -4.23 4.47
C LYS B 219 19.70 -5.44 3.60
N ALA B 220 18.67 -6.13 3.13
CA ALA B 220 18.87 -7.30 2.28
C ALA B 220 19.44 -6.88 0.95
N GLY B 221 19.00 -5.73 0.44
CA GLY B 221 19.46 -5.21 -0.83
C GLY B 221 20.96 -4.96 -0.89
N ARG B 222 21.56 -4.67 0.26
CA ARG B 222 22.99 -4.35 0.32
C ARG B 222 23.83 -5.28 1.22
N ASP B 223 23.26 -6.44 1.57
CA ASP B 223 23.99 -7.41 2.40
C ASP B 223 25.25 -7.87 1.66
N GLU B 224 26.35 -8.02 2.40
CA GLU B 224 27.63 -8.46 1.83
C GLU B 224 27.58 -9.96 1.49
N GLY B 225 27.57 -10.27 0.19
CA GLY B 225 27.47 -11.65 -0.26
C GLY B 225 26.06 -12.01 -0.65
N CYS B 226 25.13 -11.08 -0.43
CA CYS B 226 23.71 -11.30 -0.76
C CYS B 226 23.16 -12.59 -0.13
N LYS B 227 23.47 -12.77 1.15
CA LYS B 227 23.10 -13.99 1.87
C LYS B 227 21.78 -13.86 2.63
N LEU B 228 21.33 -12.63 2.85
CA LEU B 228 20.10 -12.41 3.61
C LEU B 228 18.95 -12.10 2.65
N VAL B 229 17.78 -12.65 2.95
CA VAL B 229 16.64 -12.61 2.03
C VAL B 229 15.38 -12.21 2.82
N THR B 230 14.49 -11.44 2.20
CA THR B 230 13.19 -11.14 2.82
C THR B 230 12.09 -11.94 2.11
N ILE B 231 10.95 -12.11 2.76
CA ILE B 231 9.81 -12.74 2.09
C ILE B 231 9.29 -11.87 0.93
N GLY B 232 8.45 -12.43 0.06
CA GLY B 232 7.85 -11.63 -0.99
C GLY B 232 6.86 -10.63 -0.42
N SER B 233 6.62 -9.53 -1.12
CA SER B 233 5.75 -8.48 -0.59
C SER B 233 4.32 -8.96 -0.34
N GLY B 234 3.93 -10.06 -1.00
CA GLY B 234 2.57 -10.58 -0.87
C GLY B 234 2.34 -11.21 0.49
N TYR B 235 3.42 -11.45 1.22
CA TYR B 235 3.31 -12.10 2.54
C TYR B 235 3.60 -11.14 3.69
N ILE B 236 3.87 -9.89 3.36
CA ILE B 236 3.99 -8.88 4.40
C ILE B 236 2.70 -8.81 5.21
N PHE B 237 2.85 -8.82 6.53
CA PHE B 237 1.73 -8.72 7.45
C PHE B 237 1.47 -7.27 7.86
N ALA B 238 0.19 -6.91 8.03
CA ALA B 238 -0.19 -5.54 8.41
C ALA B 238 0.42 -4.52 7.45
N THR B 239 0.21 -4.72 6.15
CA THR B 239 0.73 -3.76 5.18
C THR B 239 0.25 -2.34 5.44
N THR B 240 1.18 -1.40 5.32
CA THR B 240 0.90 0.02 5.50
C THR B 240 1.97 0.76 4.72
N GLY B 241 2.28 1.99 5.11
CA GLY B 241 3.31 2.74 4.42
C GLY B 241 3.94 3.74 5.35
N TYR B 242 5.08 4.31 4.96
CA TYR B 242 5.56 5.51 5.61
C TYR B 242 4.76 6.65 5.01
N GLY B 243 4.40 7.62 5.83
CA GLY B 243 3.65 8.76 5.34
C GLY B 243 4.13 10.03 6.02
N ILE B 244 3.71 11.16 5.47
CA ILE B 244 3.97 12.43 6.13
C ILE B 244 2.84 12.74 7.12
N ALA B 245 3.23 13.10 8.34
CA ALA B 245 2.24 13.43 9.36
C ALA B 245 2.04 14.93 9.38
N LEU B 246 0.77 15.34 9.49
CA LEU B 246 0.42 16.75 9.55
C LEU B 246 -0.50 16.97 10.73
N GLN B 247 -0.64 18.23 11.14
CA GLN B 247 -1.60 18.55 12.19
C GLN B 247 -2.99 18.18 11.71
N LYS B 248 -3.82 17.71 12.64
CA LYS B 248 -5.20 17.36 12.34
C LYS B 248 -5.92 18.51 11.61
N GLY B 249 -6.54 18.20 10.48
CA GLY B 249 -7.24 19.22 9.70
C GLY B 249 -6.34 20.26 9.07
N SER B 250 -5.08 19.89 8.87
CA SER B 250 -4.11 20.76 8.22
C SER B 250 -4.56 21.17 6.82
N PRO B 251 -4.34 22.44 6.46
CA PRO B 251 -4.70 22.96 5.14
C PRO B 251 -3.73 22.43 4.07
N TRP B 252 -2.61 21.86 4.48
CA TRP B 252 -1.60 21.40 3.53
C TRP B 252 -1.82 19.98 3.02
N LYS B 253 -2.69 19.23 3.69
CA LYS B 253 -2.84 17.80 3.41
C LYS B 253 -3.21 17.47 1.97
N ARG B 254 -4.25 18.12 1.44
CA ARG B 254 -4.70 17.81 0.09
C ARG B 254 -3.62 18.02 -0.97
N GLN B 255 -2.93 19.15 -0.92
CA GLN B 255 -1.92 19.41 -1.94
C GLN B 255 -0.69 18.53 -1.77
N ILE B 256 -0.35 18.20 -0.52
CA ILE B 256 0.73 17.23 -0.29
C ILE B 256 0.35 15.86 -0.85
N ASP B 257 -0.88 15.42 -0.57
CA ASP B 257 -1.40 14.16 -1.10
C ASP B 257 -1.37 14.11 -2.61
N LEU B 258 -1.84 15.18 -3.24
CA LEU B 258 -1.87 15.20 -4.70
C LEU B 258 -0.46 15.16 -5.27
N ALA B 259 0.48 15.87 -4.64
CA ALA B 259 1.85 15.90 -5.15
C ALA B 259 2.52 14.53 -5.06
N LEU B 260 2.38 13.88 -3.91
CA LEU B 260 2.96 12.54 -3.73
C LEU B 260 2.39 11.58 -4.78
N LEU B 261 1.08 11.63 -4.96
CA LEU B 261 0.44 10.76 -5.96
C LEU B 261 0.93 11.11 -7.37
N GLN B 262 1.18 12.39 -7.61
CA GLN B 262 1.80 12.79 -8.89
C GLN B 262 3.22 12.23 -9.03
N PHE B 263 4.02 12.36 -7.97
CA PHE B 263 5.38 11.80 -7.98
C PHE B 263 5.38 10.30 -8.26
N VAL B 264 4.47 9.57 -7.61
CA VAL B 264 4.44 8.12 -7.79
C VAL B 264 4.00 7.77 -9.20
N GLY B 265 2.95 8.43 -9.66
CA GLY B 265 2.37 8.11 -10.94
C GLY B 265 3.26 8.44 -12.13
N ASP B 266 4.17 9.39 -11.97
CA ASP B 266 4.98 9.87 -13.09
CA ASP B 266 4.97 9.84 -13.10
C ASP B 266 6.42 9.36 -13.09
N GLY B 267 6.74 8.46 -12.16
CA GLY B 267 8.05 7.84 -12.13
C GLY B 267 9.09 8.53 -11.26
N GLU B 268 8.74 9.67 -10.66
CA GLU B 268 9.69 10.35 -9.79
C GLU B 268 10.00 9.56 -8.51
N MET B 269 9.00 8.88 -7.95
CA MET B 269 9.22 8.12 -6.74
C MET B 269 10.14 6.95 -7.01
N GLU B 270 9.97 6.29 -8.16
CA GLU B 270 10.81 5.16 -8.50
C GLU B 270 12.27 5.56 -8.64
N GLU B 271 12.53 6.74 -9.21
CA GLU B 271 13.94 7.10 -9.35
C GLU B 271 14.55 7.48 -8.00
N LEU B 272 13.75 8.01 -7.08
CA LEU B 272 14.22 8.19 -5.70
C LEU B 272 14.54 6.84 -5.07
N GLU B 273 13.70 5.85 -5.32
CA GLU B 273 13.95 4.52 -4.78
C GLU B 273 15.25 3.94 -5.33
N THR B 274 15.46 4.13 -6.63
CA THR B 274 16.67 3.61 -7.28
C THR B 274 17.88 4.31 -6.69
N LEU B 275 17.72 5.60 -6.43
CA LEU B 275 18.79 6.42 -5.88
CA LEU B 275 18.79 6.42 -5.88
C LEU B 275 19.19 6.02 -4.46
N TRP B 276 18.19 5.81 -3.60
CA TRP B 276 18.45 5.61 -2.15
C TRP B 276 18.23 4.21 -1.57
N LEU B 277 17.26 3.47 -2.11
CA LEU B 277 16.79 2.24 -1.45
C LEU B 277 17.20 0.94 -2.13
N THR B 278 17.21 0.94 -3.46
CA THR B 278 17.41 -0.30 -4.22
C THR B 278 18.87 -0.72 -4.19
N GLY B 279 19.12 -1.93 -3.71
CA GLY B 279 20.48 -2.41 -3.55
C GLY B 279 20.89 -3.36 -4.67
N ILE B 280 22.11 -3.88 -4.59
CA ILE B 280 22.63 -4.74 -5.64
C ILE B 280 22.09 -6.18 -5.54
N CYS B 281 21.61 -6.57 -4.37
CA CYS B 281 21.18 -7.95 -4.14
C CYS B 281 19.77 -8.24 -4.61
N HIS B 282 19.49 -9.53 -4.80
CA HIS B 282 18.14 -10.09 -4.80
C HIS B 282 18.16 -11.48 -4.16
#